data_4QU3
#
_entry.id   4QU3
#
_cell.length_a   43.001
_cell.length_b   81.329
_cell.length_c   71.895
_cell.angle_alpha   90.00
_cell.angle_beta   101.97
_cell.angle_gamma   90.00
#
_symmetry.space_group_name_H-M   'P 1 21 1'
#
loop_
_entity.id
_entity.type
_entity.pdbx_description
1 polymer 'Beta-lactamase GES-2'
2 non-polymer '(4R,5S)-3-({(3S,5S)-5-[(3-carboxyphenyl)carbamoyl]pyrrolidin-3-yl}sulfanyl)-5-[(1S,2R)-1-formyl-2-hydroxypropyl]-4-methyl-4,5-dihydro-1H-pyrrole-2-carboxylic acid'
3 non-polymer 'CALCIUM ION'
4 non-polymer 'IODIDE ION'
5 non-polymer 1,2-ETHANEDIOL
6 water water
#
_entity_poly.entity_id   1
_entity_poly.type   'polypeptide(L)'
_entity_poly.pdbx_seq_one_letter_code
;MRFIHALLLAGIAHSAYASEKLTFKTDLEKLEREKAAQIGVAIVDPQGEIVAGHRMAQRFAMCSTFKFPLAALVFERIDS
GTERGDRKLSYGPDMIVEWSPATERFLASGHMTVLEAAQAAVQLSDNGATNLLLREIGGPAAMTQYFRKIGDSVSRLDRK
EPEMNDNTPGDLRDTTTPIAMARTVAKVLYGGALTSTSTHTIERWLIGNQTGDATLRAGFPKDWVVGEKTGTCANGGRND
IGFFKAQERDYAVAVYTTAPKLSAVERDELVASVGQVITQLILSTDK
;
_entity_poly.pdbx_strand_id   A,B
#
loop_
_chem_comp.id
_chem_comp.type
_chem_comp.name
_chem_comp.formula
1RG non-polymer '(4R,5S)-3-({(3S,5S)-5-[(3-carboxyphenyl)carbamoyl]pyrrolidin-3-yl}sulfanyl)-5-[(1S,2R)-1-formyl-2-hydroxypropyl]-4-methyl-4,5-dihydro-1H-pyrrole-2-carboxylic acid' 'C22 H27 N3 O7 S'
CA non-polymer 'CALCIUM ION' 'Ca 2'
EDO non-polymer 1,2-ETHANEDIOL 'C2 H6 O2'
IOD non-polymer 'IODIDE ION' 'I -1'
#
# COMPACT_ATOMS: atom_id res chain seq x y z
N SER A 19 14.94 -25.76 -30.38
CA SER A 19 14.84 -24.31 -30.33
C SER A 19 13.99 -23.83 -29.17
N GLU A 20 14.61 -23.09 -28.26
CA GLU A 20 13.92 -22.64 -27.06
C GLU A 20 12.87 -21.59 -27.42
N LYS A 21 13.17 -20.75 -28.40
CA LYS A 21 12.20 -19.77 -28.85
C LYS A 21 11.03 -20.41 -29.61
N LEU A 22 11.27 -21.53 -30.30
CA LEU A 22 10.18 -22.24 -30.95
C LEU A 22 9.25 -22.85 -29.90
N THR A 23 9.82 -23.38 -28.83
CA THR A 23 9.02 -23.88 -27.72
C THR A 23 8.20 -22.74 -27.10
N PHE A 24 8.84 -21.59 -26.92
CA PHE A 24 8.17 -20.39 -26.43
C PHE A 24 6.95 -20.03 -27.30
N LYS A 25 7.16 -19.96 -28.62
CA LYS A 25 6.08 -19.64 -29.55
C LYS A 25 4.97 -20.69 -29.51
N THR A 26 5.37 -21.96 -29.52
CA THR A 26 4.42 -23.06 -29.55
C THR A 26 3.59 -23.09 -28.27
N ASP A 27 4.23 -22.82 -27.13
CA ASP A 27 3.53 -22.85 -25.86
C ASP A 27 2.54 -21.69 -25.75
N LEU A 28 2.93 -20.51 -26.24
CA LEU A 28 1.99 -19.38 -26.27
C LEU A 28 0.80 -19.67 -27.18
N GLU A 29 1.07 -20.27 -28.33
CA GLU A 29 0.00 -20.59 -29.26
C GLU A 29 -0.96 -21.65 -28.69
N LYS A 30 -0.41 -22.58 -27.91
CA LYS A 30 -1.24 -23.57 -27.22
C LYS A 30 -2.16 -22.88 -26.24
N LEU A 31 -1.62 -21.95 -25.47
CA LEU A 31 -2.45 -21.17 -24.55
C LEU A 31 -3.53 -20.41 -25.28
N GLU A 32 -3.15 -19.75 -26.38
CA GLU A 32 -4.12 -18.98 -27.16
C GLU A 32 -5.27 -19.85 -27.66
N ARG A 33 -4.90 -21.02 -28.19
CA ARG A 33 -5.89 -21.94 -28.74
C ARG A 33 -6.80 -22.52 -27.67
N GLU A 34 -6.21 -22.97 -26.57
CA GLU A 34 -6.99 -23.60 -25.50
C GLU A 34 -7.86 -22.61 -24.71
N LYS A 35 -7.39 -21.37 -24.57
CA LYS A 35 -8.11 -20.38 -23.78
C LYS A 35 -8.90 -19.39 -24.63
N ALA A 36 -8.87 -19.56 -25.95
CA ALA A 36 -9.54 -18.64 -26.89
C ALA A 36 -9.07 -17.21 -26.65
N ALA A 37 -7.75 -17.05 -26.59
CA ALA A 37 -7.17 -15.78 -26.19
C ALA A 37 -6.16 -15.31 -27.23
N GLN A 38 -5.87 -14.02 -27.16
CA GLN A 38 -4.70 -13.48 -27.86
C GLN A 38 -3.71 -12.97 -26.85
N ILE A 39 -2.45 -13.35 -27.05
CA ILE A 39 -1.38 -13.02 -26.12
C ILE A 39 -0.28 -12.25 -26.82
N GLY A 40 -0.09 -10.99 -26.43
CA GLY A 40 0.99 -10.19 -26.97
C GLY A 40 2.11 -10.09 -25.94
N VAL A 41 3.34 -10.41 -26.35
CA VAL A 41 4.48 -10.41 -25.44
C VAL A 41 5.66 -9.78 -26.14
N ALA A 42 6.40 -8.95 -25.43
CA ALA A 42 7.74 -8.56 -25.88
C ALA A 42 8.66 -8.56 -24.68
N ILE A 43 9.83 -9.18 -24.84
CA ILE A 43 10.89 -9.13 -23.85
C ILE A 43 12.06 -8.43 -24.53
N VAL A 44 12.59 -7.41 -23.88
CA VAL A 44 13.75 -6.70 -24.42
C VAL A 44 14.86 -6.58 -23.39
N ASP A 45 16.08 -6.38 -23.87
CA ASP A 45 17.23 -6.17 -22.99
C ASP A 45 17.25 -4.70 -22.56
N PRO A 46 18.19 -4.29 -21.68
CA PRO A 46 18.11 -2.92 -21.17
C PRO A 46 18.22 -1.83 -22.25
N GLN A 47 18.79 -2.18 -23.40
CA GLN A 47 18.95 -1.22 -24.49
C GLN A 47 17.81 -1.29 -25.50
N GLY A 48 16.82 -2.13 -25.22
CA GLY A 48 15.65 -2.21 -26.07
C GLY A 48 15.75 -3.25 -27.17
N GLU A 49 16.85 -4.01 -27.19
CA GLU A 49 17.03 -5.08 -28.17
C GLU A 49 16.07 -6.22 -27.89
N ILE A 50 15.46 -6.76 -28.94
CA ILE A 50 14.48 -7.83 -28.79
C ILE A 50 15.10 -9.16 -28.38
N VAL A 51 14.58 -9.72 -27.30
CA VAL A 51 14.96 -11.06 -26.86
C VAL A 51 13.98 -12.07 -27.43
N ALA A 52 12.69 -11.82 -27.22
CA ALA A 52 11.65 -12.67 -27.77
C ALA A 52 10.33 -11.94 -27.75
N GLY A 53 9.39 -12.43 -28.55
CA GLY A 53 8.06 -11.85 -28.53
C GLY A 53 7.02 -12.64 -29.29
N HIS A 54 5.78 -12.19 -29.19
CA HIS A 54 4.66 -12.84 -29.83
C HIS A 54 3.62 -11.77 -30.04
N ARG A 55 3.08 -11.67 -31.26
CA ARG A 55 2.18 -10.56 -31.63
C ARG A 55 2.76 -9.24 -31.13
N MET A 56 4.07 -9.08 -31.28
CA MET A 56 4.72 -7.99 -30.57
CA MET A 56 4.82 -7.97 -30.66
C MET A 56 4.35 -6.60 -31.08
N ALA A 57 3.87 -6.51 -32.32
CA ALA A 57 3.49 -5.21 -32.87
C ALA A 57 2.01 -5.12 -33.15
N GLN A 58 1.24 -6.02 -32.55
CA GLN A 58 -0.21 -5.89 -32.56
C GLN A 58 -0.63 -4.88 -31.47
N ARG A 59 -1.58 -4.01 -31.78
CA ARG A 59 -2.06 -3.04 -30.80
C ARG A 59 -3.00 -3.70 -29.78
N PHE A 60 -2.84 -3.31 -28.52
CA PHE A 60 -3.72 -3.72 -27.43
C PHE A 60 -4.03 -2.50 -26.58
N ALA A 61 -5.18 -2.50 -25.93
CA ALA A 61 -5.51 -1.41 -24.99
C ALA A 61 -4.52 -1.42 -23.82
N MET A 62 -4.03 -0.26 -23.43
CA MET A 62 -3.09 -0.18 -22.31
C MET A 62 -3.78 -0.43 -20.98
N CYS A 63 -5.02 0.06 -20.89
CA CYS A 63 -5.73 0.11 -19.63
CA CYS A 63 -5.74 0.19 -19.63
C CYS A 63 -4.80 0.64 -18.52
N SER A 64 -4.86 0.05 -17.33
CA SER A 64 -4.06 0.58 -16.20
C SER A 64 -2.54 0.53 -16.35
N THR A 65 -2.02 -0.19 -17.34
CA THR A 65 -0.57 -0.26 -17.49
C THR A 65 0.04 1.12 -17.80
N PHE A 66 -0.76 2.03 -18.34
CA PHE A 66 -0.24 3.37 -18.65
C PHE A 66 0.17 4.13 -17.39
N LYS A 67 -0.30 3.70 -16.24
CA LYS A 67 -0.01 4.43 -15.00
C LYS A 67 1.49 4.37 -14.65
N PHE A 68 2.18 3.35 -15.15
CA PHE A 68 3.64 3.27 -14.98
C PHE A 68 4.31 4.42 -15.79
N PRO A 69 4.07 4.51 -17.12
CA PRO A 69 4.57 5.68 -17.85
C PRO A 69 4.11 7.02 -17.29
N LEU A 70 2.89 7.10 -16.76
CA LEU A 70 2.43 8.33 -16.13
C LEU A 70 3.32 8.70 -14.94
N ALA A 71 3.64 7.72 -14.10
CA ALA A 71 4.53 7.99 -12.98
C ALA A 71 5.93 8.40 -13.47
N ALA A 72 6.40 7.80 -14.56
CA ALA A 72 7.69 8.20 -15.12
C ALA A 72 7.67 9.67 -15.55
N LEU A 73 6.59 10.09 -16.20
CA LEU A 73 6.43 11.50 -16.59
C LEU A 73 6.48 12.40 -15.37
N VAL A 74 5.76 12.01 -14.33
CA VAL A 74 5.78 12.78 -13.09
C VAL A 74 7.20 12.87 -12.52
N PHE A 75 7.92 11.75 -12.52
CA PHE A 75 9.30 11.76 -12.04
C PHE A 75 10.21 12.61 -12.92
N GLU A 76 9.97 12.59 -14.23
CA GLU A 76 10.76 13.42 -15.12
C GLU A 76 10.58 14.89 -14.75
N ARG A 77 9.35 15.27 -14.45
CA ARG A 77 9.06 16.66 -14.08
C ARG A 77 9.65 17.00 -12.71
N ILE A 78 9.62 16.04 -11.79
CA ILE A 78 10.25 16.24 -10.48
C ILE A 78 11.77 16.40 -10.64
N ASP A 79 12.36 15.55 -11.49
CA ASP A 79 13.79 15.62 -11.76
C ASP A 79 14.17 16.97 -12.34
N SER A 80 13.32 17.47 -13.23
CA SER A 80 13.57 18.73 -13.91
CA SER A 80 13.57 18.74 -13.92
C SER A 80 13.32 19.95 -13.02
N GLY A 81 12.39 19.82 -12.08
CA GLY A 81 12.04 20.95 -11.22
C GLY A 81 10.74 21.62 -11.62
N THR A 82 10.12 21.13 -12.69
CA THR A 82 8.84 21.69 -13.13
C THR A 82 7.66 21.17 -12.31
N GLU A 83 7.91 20.14 -11.51
CA GLU A 83 6.94 19.67 -10.53
C GLU A 83 7.70 19.42 -9.23
N ARG A 84 6.99 19.44 -8.11
CA ARG A 84 7.56 19.12 -6.83
C ARG A 84 6.79 17.95 -6.20
N GLY A 85 7.52 16.97 -5.70
CA GLY A 85 6.91 15.74 -5.23
C GLY A 85 5.99 15.94 -4.05
N ASP A 86 6.28 16.95 -3.23
CA ASP A 86 5.55 17.18 -2.00
C ASP A 86 4.37 18.14 -2.18
N ARG A 87 4.18 18.61 -3.41
CA ARG A 87 3.11 19.58 -3.65
C ARG A 87 1.74 18.95 -3.39
N LYS A 88 0.90 19.67 -2.65
CA LYS A 88 -0.41 19.17 -2.30
C LYS A 88 -1.45 19.42 -3.40
N LEU A 89 -2.09 18.35 -3.84
CA LEU A 89 -3.11 18.42 -4.87
C LEU A 89 -4.48 18.29 -4.22
N SER A 90 -5.21 19.39 -4.18
CA SER A 90 -6.50 19.41 -3.52
C SER A 90 -7.58 18.81 -4.40
N TYR A 91 -8.55 18.17 -3.77
CA TYR A 91 -9.68 17.63 -4.52
C TYR A 91 -10.89 17.46 -3.64
N GLY A 92 -12.04 17.30 -4.29
CA GLY A 92 -13.28 16.99 -3.61
C GLY A 92 -13.80 15.66 -4.11
N PRO A 93 -15.03 15.30 -3.69
CA PRO A 93 -15.60 14.00 -4.03
C PRO A 93 -15.79 13.79 -5.53
N ASP A 94 -15.76 14.88 -6.30
CA ASP A 94 -15.87 14.82 -7.76
C ASP A 94 -14.76 14.00 -8.39
N MET A 95 -13.66 13.84 -7.66
CA MET A 95 -12.48 13.14 -8.15
CA MET A 95 -12.50 13.13 -8.19
C MET A 95 -12.54 11.63 -7.93
N ILE A 96 -13.49 11.20 -7.10
CA ILE A 96 -13.61 9.78 -6.81
C ILE A 96 -14.30 9.07 -7.96
N VAL A 97 -13.64 8.07 -8.52
CA VAL A 97 -14.25 7.21 -9.52
C VAL A 97 -14.05 5.78 -9.05
N GLU A 98 -14.73 4.85 -9.71
CA GLU A 98 -14.63 3.43 -9.37
C GLU A 98 -13.18 3.00 -9.17
N TRP A 99 -12.95 2.25 -8.09
CA TRP A 99 -11.63 1.82 -7.65
C TRP A 99 -10.66 2.97 -7.40
N SER A 100 -10.90 3.69 -6.30
CA SER A 100 -10.04 4.77 -5.87
C SER A 100 -9.76 4.63 -4.39
N PRO A 101 -9.13 3.52 -3.97
CA PRO A 101 -9.03 3.25 -2.52
C PRO A 101 -8.25 4.30 -1.73
N ALA A 102 -7.09 4.73 -2.23
CA ALA A 102 -6.33 5.76 -1.51
C ALA A 102 -7.01 7.13 -1.59
N THR A 103 -7.54 7.47 -2.77
CA THR A 103 -8.18 8.77 -2.96
C THR A 103 -9.38 8.89 -2.01
N GLU A 104 -10.10 7.80 -1.83
CA GLU A 104 -11.22 7.79 -0.89
C GLU A 104 -10.75 8.01 0.55
N ARG A 105 -9.65 7.36 0.94
CA ARG A 105 -9.15 7.51 2.30
C ARG A 105 -8.64 8.91 2.60
N PHE A 106 -8.03 9.54 1.59
CA PHE A 106 -7.48 10.87 1.78
C PHE A 106 -8.47 12.01 1.53
N LEU A 107 -9.68 11.66 1.09
CA LEU A 107 -10.70 12.63 0.72
C LEU A 107 -10.99 13.63 1.84
N ALA A 108 -11.20 13.16 3.06
CA ALA A 108 -11.51 14.08 4.16
C ALA A 108 -10.38 15.06 4.42
N SER A 109 -9.14 14.61 4.30
CA SER A 109 -7.99 15.50 4.48
C SER A 109 -7.97 16.59 3.41
N GLY A 110 -8.51 16.29 2.23
CA GLY A 110 -8.65 17.28 1.19
C GLY A 110 -7.58 17.27 0.10
N HIS A 111 -6.56 16.45 0.26
CA HIS A 111 -5.49 16.43 -0.73
C HIS A 111 -4.67 15.14 -0.70
N MET A 112 -3.94 14.92 -1.79
CA MET A 112 -2.83 13.98 -1.79
CA MET A 112 -2.83 13.98 -1.80
C MET A 112 -1.66 14.71 -2.43
N THR A 113 -0.45 14.42 -2.01
CA THR A 113 0.69 15.05 -2.67
C THR A 113 0.90 14.40 -4.02
N VAL A 114 1.66 15.05 -4.88
CA VAL A 114 2.04 14.48 -6.16
C VAL A 114 2.63 13.07 -5.98
N LEU A 115 3.55 12.91 -5.05
CA LEU A 115 4.16 11.59 -4.84
C LEU A 115 3.19 10.56 -4.27
N GLU A 116 2.35 10.96 -3.33
CA GLU A 116 1.36 10.03 -2.78
C GLU A 116 0.44 9.55 -3.89
N ALA A 117 -0.03 10.47 -4.71
CA ALA A 117 -0.93 10.11 -5.80
C ALA A 117 -0.26 9.19 -6.80
N ALA A 118 1.00 9.50 -7.14
CA ALA A 118 1.71 8.67 -8.10
C ALA A 118 1.93 7.25 -7.55
N GLN A 119 2.26 7.14 -6.27
CA GLN A 119 2.48 5.82 -5.68
C GLN A 119 1.19 5.01 -5.61
N ALA A 120 0.07 5.67 -5.32
CA ALA A 120 -1.23 5.01 -5.30
C ALA A 120 -1.64 4.54 -6.69
N ALA A 121 -1.37 5.37 -7.70
CA ALA A 121 -1.68 4.98 -9.08
C ALA A 121 -0.88 3.75 -9.48
N VAL A 122 0.40 3.71 -9.12
CA VAL A 122 1.26 2.61 -9.51
C VAL A 122 0.97 1.35 -8.69
N GLN A 123 0.84 1.49 -7.38
CA GLN A 123 0.81 0.31 -6.51
C GLN A 123 -0.59 -0.22 -6.19
N LEU A 124 -1.59 0.64 -6.30
CA LEU A 124 -2.99 0.25 -6.05
C LEU A 124 -3.84 0.37 -7.31
N SER A 125 -3.28 0.93 -8.38
CA SER A 125 -4.04 1.23 -9.59
C SER A 125 -5.19 2.19 -9.31
N ASP A 126 -4.96 3.13 -8.39
CA ASP A 126 -6.00 4.06 -7.96
C ASP A 126 -6.40 5.01 -9.11
N ASN A 127 -7.66 4.93 -9.51
CA ASN A 127 -8.14 5.72 -10.65
C ASN A 127 -8.29 7.21 -10.34
N GLY A 128 -8.78 7.53 -9.15
CA GLY A 128 -8.90 8.92 -8.75
C GLY A 128 -7.54 9.60 -8.72
N ALA A 129 -6.55 8.89 -8.17
CA ALA A 129 -5.20 9.42 -8.11
C ALA A 129 -4.63 9.64 -9.51
N THR A 130 -4.94 8.71 -10.41
CA THR A 130 -4.50 8.80 -11.78
C THR A 130 -5.07 10.05 -12.46
N ASN A 131 -6.37 10.27 -12.29
CA ASN A 131 -7.01 11.45 -12.88
C ASN A 131 -6.47 12.74 -12.28
N LEU A 132 -6.15 12.72 -10.99
CA LEU A 132 -5.61 13.88 -10.31
C LEU A 132 -4.28 14.28 -10.97
N LEU A 133 -3.44 13.28 -11.23
CA LEU A 133 -2.15 13.54 -11.86
C LEU A 133 -2.29 13.93 -13.32
N LEU A 134 -3.18 13.24 -14.03
CA LEU A 134 -3.39 13.53 -15.44
C LEU A 134 -3.63 15.01 -15.67
N ARG A 135 -4.47 15.60 -14.83
CA ARG A 135 -4.78 17.01 -14.95
C ARG A 135 -3.53 17.86 -14.73
N GLU A 136 -2.74 17.52 -13.73
CA GLU A 136 -1.57 18.31 -13.38
C GLU A 136 -0.43 18.26 -14.42
N ILE A 137 -0.38 17.20 -15.22
CA ILE A 137 0.71 17.09 -16.18
C ILE A 137 0.34 17.52 -17.59
N GLY A 138 -0.93 17.86 -17.81
CA GLY A 138 -1.39 18.32 -19.10
C GLY A 138 -2.35 17.41 -19.85
N GLY A 139 -2.93 16.45 -19.15
CA GLY A 139 -3.94 15.58 -19.75
C GLY A 139 -3.40 14.53 -20.70
N PRO A 140 -4.30 13.77 -21.34
CA PRO A 140 -3.91 12.71 -22.28
C PRO A 140 -2.98 13.21 -23.41
N ALA A 141 -3.18 14.43 -23.87
CA ALA A 141 -2.29 14.99 -24.89
C ALA A 141 -0.84 15.07 -24.40
N ALA A 142 -0.67 15.48 -23.15
CA ALA A 142 0.67 15.58 -22.56
C ALA A 142 1.29 14.22 -22.28
N MET A 143 0.46 13.24 -21.90
CA MET A 143 0.94 11.88 -21.69
C MET A 143 1.47 11.35 -23.00
N THR A 144 0.72 11.60 -24.07
CA THR A 144 1.12 11.14 -25.39
C THR A 144 2.42 11.83 -25.80
N GLN A 145 2.54 13.13 -25.53
CA GLN A 145 3.77 13.86 -25.83
CA GLN A 145 3.78 13.85 -25.84
C GLN A 145 4.98 13.27 -25.09
N TYR A 146 4.76 12.80 -23.88
CA TYR A 146 5.86 12.17 -23.12
C TYR A 146 6.33 10.88 -23.81
N PHE A 147 5.39 10.05 -24.25
CA PHE A 147 5.75 8.87 -25.02
C PHE A 147 6.65 9.25 -26.19
N ARG A 148 6.23 10.27 -26.95
CA ARG A 148 6.99 10.68 -28.13
C ARG A 148 8.37 11.16 -27.74
N LYS A 149 8.45 11.91 -26.64
CA LYS A 149 9.71 12.46 -26.15
C LYS A 149 10.75 11.37 -25.87
N ILE A 150 10.28 10.25 -25.33
CA ILE A 150 11.22 9.18 -24.96
C ILE A 150 11.39 8.14 -26.07
N GLY A 151 10.89 8.47 -27.26
CA GLY A 151 11.14 7.65 -28.43
C GLY A 151 10.09 6.60 -28.76
N ASP A 152 8.96 6.69 -28.08
CA ASP A 152 7.83 5.80 -28.33
C ASP A 152 6.86 6.50 -29.27
N SER A 153 6.83 6.10 -30.54
CA SER A 153 5.94 6.74 -31.50
C SER A 153 4.59 6.04 -31.61
N VAL A 154 4.38 5.03 -30.76
CA VAL A 154 3.25 4.13 -30.92
C VAL A 154 2.19 4.31 -29.83
N SER A 155 2.62 4.28 -28.58
CA SER A 155 1.68 4.36 -27.46
C SER A 155 0.92 5.68 -27.51
N ARG A 156 -0.36 5.65 -27.16
CA ARG A 156 -1.15 6.88 -27.16
C ARG A 156 -2.21 6.85 -26.08
N LEU A 157 -2.36 7.97 -25.37
CA LEU A 157 -3.45 8.13 -24.42
C LEU A 157 -4.41 9.15 -24.98
N ASP A 158 -5.70 8.82 -24.99
CA ASP A 158 -6.70 9.67 -25.62
C ASP A 158 -7.79 10.11 -24.64
N ARG A 159 -7.98 9.33 -23.58
CA ARG A 159 -9.05 9.60 -22.62
C ARG A 159 -8.56 9.43 -21.19
N LYS A 160 -9.34 9.89 -20.23
CA LYS A 160 -9.01 9.67 -18.82
C LYS A 160 -9.82 8.52 -18.21
N GLU A 161 -9.69 8.34 -16.90
CA GLU A 161 -10.42 7.28 -16.22
C GLU A 161 -11.88 7.68 -16.04
N PRO A 162 -12.82 6.73 -16.21
CA PRO A 162 -12.60 5.32 -16.52
C PRO A 162 -12.71 4.98 -18.02
N GLU A 163 -13.04 5.95 -18.87
CA GLU A 163 -13.37 5.63 -20.27
C GLU A 163 -12.21 5.04 -21.08
N MET A 164 -10.98 5.31 -20.67
CA MET A 164 -9.82 4.82 -21.43
CA MET A 164 -9.82 4.82 -21.44
C MET A 164 -9.71 3.31 -21.40
N ASN A 165 -10.48 2.67 -20.52
CA ASN A 165 -10.45 1.22 -20.36
C ASN A 165 -11.54 0.50 -21.15
N ASP A 166 -12.26 1.23 -22.00
CA ASP A 166 -13.35 0.65 -22.76
C ASP A 166 -12.93 -0.55 -23.60
N ASN A 167 -11.73 -0.50 -24.17
CA ASN A 167 -11.21 -1.60 -24.98
C ASN A 167 -12.19 -2.06 -26.08
N THR A 168 -12.76 -1.10 -26.79
CA THR A 168 -13.67 -1.44 -27.87
C THR A 168 -12.87 -2.13 -28.98
N PRO A 169 -13.36 -3.27 -29.46
CA PRO A 169 -12.57 -4.02 -30.45
C PRO A 169 -12.22 -3.14 -31.65
N GLY A 170 -10.96 -3.17 -32.05
CA GLY A 170 -10.52 -2.41 -33.21
C GLY A 170 -10.13 -0.96 -32.93
N ASP A 171 -10.55 -0.42 -31.79
CA ASP A 171 -10.31 0.97 -31.44
C ASP A 171 -8.82 1.18 -31.19
N LEU A 172 -8.22 2.17 -31.83
CA LEU A 172 -6.79 2.43 -31.63
C LEU A 172 -6.53 3.46 -30.53
N ARG A 173 -7.57 4.12 -30.03
CA ARG A 173 -7.40 5.00 -28.87
C ARG A 173 -6.87 4.23 -27.66
N ASP A 174 -6.00 4.88 -26.88
CA ASP A 174 -5.55 4.33 -25.60
C ASP A 174 -4.88 2.96 -25.76
N THR A 175 -4.11 2.82 -26.85
CA THR A 175 -3.42 1.57 -27.13
C THR A 175 -1.91 1.71 -27.11
N THR A 176 -1.25 0.57 -27.07
CA THR A 176 0.19 0.44 -27.28
C THR A 176 0.42 -0.88 -28.02
N THR A 177 1.67 -1.24 -28.24
CA THR A 177 2.01 -2.59 -28.66
C THR A 177 2.96 -3.17 -27.62
N PRO A 178 3.00 -4.49 -27.51
CA PRO A 178 3.96 -5.07 -26.56
C PRO A 178 5.39 -4.57 -26.75
N ILE A 179 5.84 -4.46 -28.00
CA ILE A 179 7.23 -4.04 -28.22
C ILE A 179 7.44 -2.56 -27.88
N ALA A 180 6.50 -1.71 -28.26
CA ALA A 180 6.63 -0.30 -27.92
C ALA A 180 6.68 -0.11 -26.41
N MET A 181 5.79 -0.78 -25.70
CA MET A 181 5.74 -0.61 -24.25
C MET A 181 6.96 -1.23 -23.55
N ALA A 182 7.40 -2.40 -23.98
CA ALA A 182 8.60 -3.00 -23.39
C ALA A 182 9.80 -2.07 -23.57
N ARG A 183 9.88 -1.44 -24.74
CA ARG A 183 10.98 -0.51 -24.98
C ARG A 183 10.84 0.75 -24.14
N THR A 184 9.61 1.19 -23.91
CA THR A 184 9.38 2.33 -23.02
C THR A 184 9.79 1.99 -21.60
N VAL A 185 9.46 0.79 -21.15
CA VAL A 185 9.87 0.37 -19.81
C VAL A 185 11.39 0.36 -19.70
N ALA A 186 12.06 -0.20 -20.71
CA ALA A 186 13.51 -0.26 -20.68
C ALA A 186 14.14 1.14 -20.67
N LYS A 187 13.56 2.06 -21.43
CA LYS A 187 14.07 3.42 -21.48
CA LYS A 187 14.07 3.42 -21.46
C LYS A 187 13.97 4.07 -20.09
N VAL A 188 12.84 3.87 -19.43
CA VAL A 188 12.60 4.45 -18.11
C VAL A 188 13.50 3.84 -17.03
N LEU A 189 13.70 2.53 -17.08
CA LEU A 189 14.43 1.86 -15.99
C LEU A 189 15.93 1.74 -16.25
N TYR A 190 16.31 1.66 -17.52
CA TYR A 190 17.69 1.36 -17.86
C TYR A 190 18.31 2.39 -18.80
N GLY A 191 17.47 3.15 -19.49
CA GLY A 191 17.95 4.02 -20.57
C GLY A 191 18.21 5.47 -20.22
N GLY A 192 18.20 5.78 -18.93
CA GLY A 192 18.57 7.11 -18.47
C GLY A 192 17.49 8.17 -18.53
N ALA A 193 16.23 7.77 -18.65
CA ALA A 193 15.14 8.72 -18.72
C ALA A 193 14.97 9.51 -17.42
N LEU A 194 15.36 8.87 -16.31
CA LEU A 194 15.19 9.46 -14.99
C LEU A 194 16.54 9.49 -14.26
N THR A 195 16.66 10.34 -13.24
CA THR A 195 17.86 10.34 -12.42
C THR A 195 18.02 9.00 -11.72
N SER A 196 19.20 8.76 -11.16
CA SER A 196 19.44 7.51 -10.45
C SER A 196 18.49 7.34 -9.28
N THR A 197 18.24 8.42 -8.53
CA THR A 197 17.34 8.33 -7.39
CA THR A 197 17.34 8.36 -7.39
C THR A 197 15.90 8.07 -7.81
N SER A 198 15.44 8.74 -8.86
CA SER A 198 14.06 8.56 -9.31
C SER A 198 13.86 7.20 -9.94
N THR A 199 14.88 6.72 -10.65
CA THR A 199 14.85 5.39 -11.24
C THR A 199 14.74 4.34 -10.14
N HIS A 200 15.55 4.49 -9.10
CA HIS A 200 15.52 3.54 -8.00
C HIS A 200 14.15 3.55 -7.32
N THR A 201 13.60 4.74 -7.10
CA THR A 201 12.30 4.85 -6.44
C THR A 201 11.21 4.16 -7.25
N ILE A 202 11.16 4.42 -8.55
CA ILE A 202 10.08 3.83 -9.35
C ILE A 202 10.24 2.30 -9.48
N GLU A 203 11.48 1.84 -9.49
CA GLU A 203 11.77 0.40 -9.43
C GLU A 203 11.21 -0.23 -8.16
N ARG A 204 11.45 0.41 -7.01
CA ARG A 204 10.96 -0.12 -5.75
C ARG A 204 9.44 -0.09 -5.72
N TRP A 205 8.83 0.94 -6.32
CA TRP A 205 7.37 1.00 -6.37
C TRP A 205 6.82 -0.18 -7.16
N LEU A 206 7.47 -0.51 -8.28
CA LEU A 206 7.03 -1.65 -9.09
C LEU A 206 7.17 -2.98 -8.35
N ILE A 207 8.29 -3.15 -7.65
CA ILE A 207 8.50 -4.37 -6.87
C ILE A 207 7.41 -4.47 -5.80
N GLY A 208 7.09 -3.36 -5.16
CA GLY A 208 6.10 -3.35 -4.10
C GLY A 208 4.65 -3.22 -4.53
N ASN A 209 4.40 -3.25 -5.84
CA ASN A 209 3.03 -3.21 -6.36
C ASN A 209 2.13 -4.18 -5.60
N GLN A 210 0.91 -3.76 -5.28
CA GLN A 210 0.02 -4.58 -4.46
C GLN A 210 -0.99 -5.39 -5.28
N THR A 211 -1.00 -5.21 -6.60
CA THR A 211 -2.06 -5.76 -7.43
C THR A 211 -1.65 -6.91 -8.32
N GLY A 212 -0.37 -7.28 -8.27
CA GLY A 212 0.14 -8.24 -9.24
C GLY A 212 0.53 -9.61 -8.69
N ASP A 213 0.08 -9.95 -7.49
CA ASP A 213 0.52 -11.19 -6.87
C ASP A 213 0.07 -12.44 -7.64
N ALA A 214 -1.03 -12.35 -8.39
CA ALA A 214 -1.55 -13.53 -9.08
C ALA A 214 -1.27 -13.55 -10.58
N THR A 215 -0.57 -12.53 -11.08
CA THR A 215 -0.34 -12.43 -12.52
C THR A 215 1.11 -12.81 -12.88
N LEU A 216 1.82 -11.97 -13.63
CA LEU A 216 3.15 -12.35 -14.13
C LEU A 216 4.11 -12.88 -13.08
N ARG A 217 4.21 -12.17 -11.96
CA ARG A 217 5.21 -12.54 -10.98
C ARG A 217 4.89 -13.88 -10.33
N ALA A 218 3.63 -14.31 -10.39
CA ALA A 218 3.26 -15.64 -9.91
C ALA A 218 3.90 -16.74 -10.77
N GLY A 219 4.25 -16.42 -12.01
CA GLY A 219 4.86 -17.39 -12.91
C GLY A 219 6.37 -17.32 -13.01
N PHE A 220 7.00 -16.39 -12.28
CA PHE A 220 8.45 -16.25 -12.30
C PHE A 220 9.11 -16.94 -11.11
N PRO A 221 10.38 -17.36 -11.25
CA PRO A 221 11.11 -17.93 -10.11
C PRO A 221 11.15 -16.94 -8.96
N LYS A 222 11.20 -17.46 -7.74
CA LYS A 222 11.06 -16.64 -6.55
CA LYS A 222 11.05 -16.63 -6.55
C LYS A 222 12.33 -15.88 -6.21
N ASP A 223 13.42 -16.22 -6.87
CA ASP A 223 14.67 -15.50 -6.64
C ASP A 223 14.93 -14.41 -7.70
N TRP A 224 14.06 -14.33 -8.71
CA TRP A 224 14.16 -13.22 -9.66
C TRP A 224 13.59 -11.95 -9.03
N VAL A 225 14.27 -10.83 -9.24
CA VAL A 225 13.69 -9.54 -8.84
C VAL A 225 12.72 -9.11 -9.93
N VAL A 226 11.46 -8.94 -9.56
CA VAL A 226 10.40 -8.60 -10.50
C VAL A 226 9.61 -7.40 -9.99
N GLY A 227 9.34 -6.46 -10.89
CA GLY A 227 8.44 -5.35 -10.58
C GLY A 227 7.52 -5.17 -11.76
N GLU A 228 6.25 -4.91 -11.51
CA GLU A 228 5.31 -4.76 -12.60
C GLU A 228 4.08 -3.93 -12.28
N LYS A 229 3.37 -3.56 -13.34
CA LYS A 229 2.11 -2.85 -13.24
C LYS A 229 1.07 -3.61 -14.04
N THR A 230 -0.03 -3.96 -13.38
CA THR A 230 -1.10 -4.72 -14.00
C THR A 230 -2.14 -3.82 -14.67
N GLY A 231 -2.99 -4.44 -15.48
CA GLY A 231 -4.14 -3.78 -16.04
C GLY A 231 -5.27 -4.78 -16.25
N THR A 232 -6.49 -4.31 -16.10
CA THR A 232 -7.68 -5.11 -16.38
C THR A 232 -8.66 -4.21 -17.08
N CYS A 233 -9.12 -4.60 -18.26
CA CYS A 233 -10.14 -3.79 -18.89
C CYS A 233 -11.24 -4.64 -19.50
N ALA A 234 -12.25 -3.96 -20.01
CA ALA A 234 -13.44 -4.60 -20.53
C ALA A 234 -13.10 -5.47 -21.73
N ASN A 235 -14.03 -6.34 -22.08
CA ASN A 235 -13.87 -7.24 -23.22
C ASN A 235 -12.67 -8.19 -23.08
N GLY A 236 -12.34 -8.49 -21.83
CA GLY A 236 -11.40 -9.57 -21.54
C GLY A 236 -9.94 -9.22 -21.52
N GLY A 237 -9.63 -7.93 -21.31
CA GLY A 237 -8.24 -7.50 -21.28
C GLY A 237 -7.59 -7.76 -19.94
N ARG A 238 -6.39 -8.34 -19.97
CA ARG A 238 -5.60 -8.53 -18.75
C ARG A 238 -4.13 -8.38 -19.11
N ASN A 239 -3.47 -7.39 -18.50
CA ASN A 239 -2.13 -6.99 -18.91
C ASN A 239 -1.18 -6.90 -17.73
N ASP A 240 0.12 -6.95 -18.00
CA ASP A 240 1.13 -6.83 -16.96
C ASP A 240 2.44 -6.44 -17.64
N ILE A 241 3.02 -5.32 -17.21
CA ILE A 241 4.26 -4.80 -17.79
C ILE A 241 5.26 -4.48 -16.69
N GLY A 242 6.54 -4.61 -16.98
CA GLY A 242 7.54 -4.26 -15.99
C GLY A 242 8.90 -4.81 -16.32
N PHE A 243 9.60 -5.24 -15.29
CA PHE A 243 10.96 -5.72 -15.46
C PHE A 243 11.20 -6.97 -14.63
N PHE A 244 12.22 -7.71 -15.01
CA PHE A 244 12.73 -8.77 -14.16
C PHE A 244 14.23 -8.87 -14.28
N LYS A 245 14.84 -9.27 -13.18
CA LYS A 245 16.28 -9.50 -13.14
C LYS A 245 16.51 -10.96 -12.79
N ALA A 246 17.05 -11.70 -13.75
CA ALA A 246 17.37 -13.10 -13.54
C ALA A 246 18.86 -13.16 -13.31
N GLN A 247 19.25 -13.40 -12.06
CA GLN A 247 20.62 -13.24 -11.60
C GLN A 247 21.13 -11.84 -11.96
N GLU A 248 22.13 -11.75 -12.82
CA GLU A 248 22.71 -10.47 -13.16
C GLU A 248 22.10 -9.86 -14.41
N ARG A 249 21.17 -10.57 -15.04
CA ARG A 249 20.62 -10.11 -16.31
C ARG A 249 19.27 -9.42 -16.15
N ASP A 250 19.22 -8.16 -16.59
CA ASP A 250 18.01 -7.36 -16.53
C ASP A 250 17.22 -7.42 -17.82
N TYR A 251 15.90 -7.49 -17.70
CA TYR A 251 15.00 -7.50 -18.86
C TYR A 251 13.81 -6.58 -18.61
N ALA A 252 13.25 -6.06 -19.69
CA ALA A 252 11.98 -5.35 -19.64
C ALA A 252 10.97 -6.22 -20.38
N VAL A 253 9.73 -6.22 -19.90
CA VAL A 253 8.73 -7.11 -20.46
C VAL A 253 7.36 -6.43 -20.50
N ALA A 254 6.60 -6.72 -21.55
CA ALA A 254 5.24 -6.26 -21.65
C ALA A 254 4.38 -7.42 -22.13
N VAL A 255 3.31 -7.69 -21.38
CA VAL A 255 2.35 -8.72 -21.72
C VAL A 255 0.95 -8.11 -21.76
N TYR A 256 0.30 -8.27 -22.91
CA TYR A 256 -1.06 -7.81 -23.11
C TYR A 256 -1.88 -9.01 -23.57
N THR A 257 -3.01 -9.27 -22.92
CA THR A 257 -3.84 -10.40 -23.31
C THR A 257 -5.30 -10.02 -23.45
N THR A 258 -5.99 -10.72 -24.33
CA THR A 258 -7.42 -10.55 -24.55
C THR A 258 -8.04 -11.95 -24.51
N ALA A 259 -8.92 -12.18 -23.53
CA ALA A 259 -9.53 -13.49 -23.36
C ALA A 259 -10.96 -13.33 -22.87
N PRO A 260 -11.87 -12.96 -23.78
CA PRO A 260 -13.26 -12.59 -23.45
C PRO A 260 -14.06 -13.71 -22.78
N LYS A 261 -13.72 -14.96 -23.05
CA LYS A 261 -14.50 -16.07 -22.52
C LYS A 261 -13.98 -16.67 -21.21
N LEU A 262 -12.86 -16.16 -20.72
CA LEU A 262 -12.31 -16.62 -19.44
C LEU A 262 -12.92 -15.82 -18.29
N SER A 263 -12.96 -16.43 -17.11
CA SER A 263 -13.35 -15.69 -15.91
C SER A 263 -12.17 -14.83 -15.44
N ALA A 264 -12.43 -13.92 -14.51
CA ALA A 264 -11.38 -13.05 -13.99
C ALA A 264 -10.22 -13.85 -13.38
N VAL A 265 -10.53 -14.88 -12.59
CA VAL A 265 -9.48 -15.72 -12.00
C VAL A 265 -8.68 -16.43 -13.10
N GLU A 266 -9.39 -16.89 -14.14
CA GLU A 266 -8.73 -17.57 -15.25
C GLU A 266 -7.82 -16.64 -16.05
N ARG A 267 -8.22 -15.37 -16.16
CA ARG A 267 -7.34 -14.42 -16.84
C ARG A 267 -6.05 -14.18 -16.06
N ASP A 268 -6.15 -14.13 -14.73
CA ASP A 268 -4.96 -14.02 -13.88
C ASP A 268 -4.04 -15.20 -14.13
N GLU A 269 -4.63 -16.39 -14.12
CA GLU A 269 -3.88 -17.62 -14.33
C GLU A 269 -3.24 -17.66 -15.73
N LEU A 270 -3.93 -17.09 -16.72
CA LEU A 270 -3.38 -17.02 -18.07
C LEU A 270 -2.09 -16.20 -18.07
N VAL A 271 -2.13 -15.03 -17.43
CA VAL A 271 -0.94 -14.18 -17.37
C VAL A 271 0.18 -14.86 -16.58
N ALA A 272 -0.16 -15.52 -15.48
CA ALA A 272 0.84 -16.29 -14.73
C ALA A 272 1.47 -17.39 -15.60
N SER A 273 0.63 -18.03 -16.43
CA SER A 273 1.10 -19.06 -17.36
C SER A 273 2.09 -18.47 -18.36
N VAL A 274 1.81 -17.26 -18.83
CA VAL A 274 2.74 -16.59 -19.72
C VAL A 274 4.07 -16.33 -19.00
N GLY A 275 3.98 -15.98 -17.72
CA GLY A 275 5.19 -15.84 -16.91
C GLY A 275 6.03 -17.11 -16.89
N GLN A 276 5.38 -18.26 -16.78
CA GLN A 276 6.10 -19.53 -16.80
C GLN A 276 6.73 -19.79 -18.16
N VAL A 277 6.04 -19.42 -19.23
CA VAL A 277 6.57 -19.63 -20.56
C VAL A 277 7.81 -18.73 -20.77
N ILE A 278 7.73 -17.50 -20.30
CA ILE A 278 8.88 -16.59 -20.34
C ILE A 278 10.05 -17.19 -19.54
N THR A 279 9.76 -17.69 -18.36
CA THR A 279 10.79 -18.26 -17.51
C THR A 279 11.49 -19.41 -18.19
N GLN A 280 10.72 -20.33 -18.78
CA GLN A 280 11.30 -21.48 -19.45
C GLN A 280 12.26 -21.04 -20.55
N LEU A 281 11.88 -20.01 -21.28
CA LEU A 281 12.77 -19.47 -22.31
C LEU A 281 14.05 -18.89 -21.72
N ILE A 282 13.90 -18.01 -20.73
CA ILE A 282 15.08 -17.35 -20.15
C ILE A 282 16.04 -18.36 -19.51
N LEU A 283 15.48 -19.35 -18.82
CA LEU A 283 16.29 -20.36 -18.15
C LEU A 283 16.93 -21.36 -19.11
N SER A 284 16.40 -21.47 -20.32
CA SER A 284 16.92 -22.44 -21.28
CA SER A 284 16.94 -22.44 -21.27
C SER A 284 17.91 -21.81 -22.25
N THR A 285 17.98 -20.49 -22.24
CA THR A 285 18.86 -19.78 -23.17
C THR A 285 20.17 -19.31 -22.53
N ASP A 286 20.29 -19.48 -21.22
CA ASP A 286 21.56 -19.16 -20.55
C ASP A 286 22.47 -20.37 -20.49
N GLU B 20 -24.28 13.56 28.91
CA GLU B 20 -23.57 13.08 27.72
C GLU B 20 -22.61 11.96 28.09
N LYS B 21 -21.91 12.13 29.20
CA LYS B 21 -20.99 11.10 29.67
C LYS B 21 -21.72 9.87 30.22
N LEU B 22 -22.89 10.10 30.80
CA LEU B 22 -23.72 9.00 31.29
C LEU B 22 -24.26 8.18 30.12
N THR B 23 -24.70 8.88 29.08
CA THR B 23 -25.18 8.20 27.87
C THR B 23 -24.08 7.35 27.23
N PHE B 24 -22.88 7.91 27.14
CA PHE B 24 -21.70 7.23 26.61
C PHE B 24 -21.43 5.94 27.40
N LYS B 25 -21.40 6.06 28.72
CA LYS B 25 -21.17 4.90 29.58
C LYS B 25 -22.28 3.85 29.41
N THR B 26 -23.52 4.30 29.45
CA THR B 26 -24.67 3.41 29.33
C THR B 26 -24.68 2.69 28.00
N ASP B 27 -24.38 3.41 26.94
CA ASP B 27 -24.41 2.82 25.61
C ASP B 27 -23.31 1.80 25.40
N LEU B 28 -22.13 2.04 25.97
CA LEU B 28 -21.05 1.07 25.88
C LEU B 28 -21.36 -0.17 26.71
N GLU B 29 -21.95 0.02 27.88
CA GLU B 29 -22.30 -1.12 28.73
C GLU B 29 -23.37 -2.00 28.07
N LYS B 30 -24.31 -1.38 27.37
CA LYS B 30 -25.32 -2.12 26.62
C LYS B 30 -24.64 -3.02 25.59
N LEU B 31 -23.65 -2.47 24.87
CA LEU B 31 -22.91 -3.23 23.87
C LEU B 31 -22.14 -4.39 24.52
N GLU B 32 -21.49 -4.11 25.65
CA GLU B 32 -20.75 -5.14 26.37
C GLU B 32 -21.64 -6.31 26.77
N ARG B 33 -22.81 -6.01 27.31
CA ARG B 33 -23.72 -7.05 27.76
C ARG B 33 -24.22 -7.88 26.58
N GLU B 34 -24.68 -7.19 25.54
CA GLU B 34 -25.32 -7.89 24.43
C GLU B 34 -24.35 -8.67 23.56
N LYS B 35 -23.10 -8.20 23.48
CA LYS B 35 -22.08 -8.87 22.68
C LYS B 35 -21.17 -9.76 23.48
N ALA B 36 -21.41 -9.85 24.80
CA ALA B 36 -20.51 -10.55 25.72
C ALA B 36 -19.07 -10.10 25.51
N ALA B 37 -18.88 -8.79 25.57
CA ALA B 37 -17.62 -8.19 25.22
C ALA B 37 -17.13 -7.26 26.32
N GLN B 38 -15.84 -6.95 26.29
CA GLN B 38 -15.30 -5.90 27.13
C GLN B 38 -14.73 -4.82 26.22
N ILE B 39 -15.11 -3.58 26.47
CA ILE B 39 -14.74 -2.46 25.61
C ILE B 39 -13.97 -1.42 26.42
N GLY B 40 -12.71 -1.21 26.04
CA GLY B 40 -11.92 -0.18 26.66
C GLY B 40 -11.75 1.00 25.72
N VAL B 41 -12.01 2.21 26.21
CA VAL B 41 -11.95 3.40 25.37
C VAL B 41 -11.31 4.53 26.14
N ALA B 42 -10.46 5.31 25.49
CA ALA B 42 -10.06 6.60 26.03
C ALA B 42 -9.97 7.61 24.89
N ILE B 43 -10.56 8.77 25.13
CA ILE B 43 -10.45 9.90 24.21
C ILE B 43 -9.81 11.02 25.00
N VAL B 44 -8.73 11.58 24.45
CA VAL B 44 -8.06 12.69 25.10
C VAL B 44 -7.86 13.84 24.12
N ASP B 45 -7.67 15.04 24.66
CA ASP B 45 -7.39 16.21 23.85
C ASP B 45 -5.89 16.21 23.52
N PRO B 46 -5.40 17.19 22.74
CA PRO B 46 -3.99 17.12 22.33
C PRO B 46 -2.97 17.14 23.48
N GLN B 47 -3.37 17.66 24.64
CA GLN B 47 -2.49 17.71 25.81
C GLN B 47 -2.63 16.48 26.71
N GLY B 48 -3.51 15.55 26.32
CA GLY B 48 -3.70 14.33 27.07
C GLY B 48 -4.79 14.41 28.12
N GLU B 49 -5.52 15.52 28.14
CA GLU B 49 -6.63 15.65 29.08
C GLU B 49 -7.81 14.78 28.65
N ILE B 50 -8.43 14.12 29.62
CA ILE B 50 -9.50 13.17 29.35
C ILE B 50 -10.79 13.82 28.87
N VAL B 51 -11.28 13.36 27.73
CA VAL B 51 -12.58 13.77 27.21
C VAL B 51 -13.63 12.76 27.66
N ALA B 52 -13.36 11.48 27.46
CA ALA B 52 -14.25 10.42 27.90
C ALA B 52 -13.52 9.10 27.87
N GLY B 53 -14.04 8.11 28.57
CA GLY B 53 -13.44 6.81 28.53
C GLY B 53 -14.29 5.75 29.20
N HIS B 54 -13.80 4.52 29.13
CA HIS B 54 -14.50 3.37 29.67
C HIS B 54 -13.48 2.29 29.89
N ARG B 55 -13.45 1.70 31.09
CA ARG B 55 -12.42 0.72 31.44
C ARG B 55 -11.02 1.25 31.10
N MET B 56 -10.81 2.55 31.31
CA MET B 56 -9.63 3.17 30.75
CA MET B 56 -9.62 3.25 30.83
C MET B 56 -8.32 2.74 31.41
N ALA B 57 -8.40 2.20 32.62
CA ALA B 57 -7.19 1.75 33.32
C ALA B 57 -7.02 0.23 33.27
N GLN B 58 -7.86 -0.43 32.49
CA GLN B 58 -7.80 -1.89 32.31
C GLN B 58 -6.82 -2.31 31.20
N ARG B 59 -6.14 -3.43 31.39
CA ARG B 59 -5.13 -3.92 30.45
C ARG B 59 -5.76 -4.67 29.30
N PHE B 60 -5.28 -4.39 28.09
CA PHE B 60 -5.67 -5.11 26.89
C PHE B 60 -4.41 -5.40 26.09
N ALA B 61 -4.41 -6.50 25.35
CA ALA B 61 -3.32 -6.79 24.41
C ALA B 61 -3.28 -5.73 23.31
N MET B 62 -2.09 -5.21 23.02
CA MET B 62 -1.97 -4.20 21.97
C MET B 62 -2.14 -4.79 20.59
N CYS B 63 -1.64 -6.01 20.42
CA CYS B 63 -1.45 -6.62 19.11
CA CYS B 63 -1.50 -6.61 19.11
C CYS B 63 -0.97 -5.59 18.09
N SER B 64 -1.56 -5.54 16.89
CA SER B 64 -0.97 -4.71 15.83
C SER B 64 -0.99 -3.20 16.10
N THR B 65 -1.75 -2.74 17.09
CA THR B 65 -1.79 -1.30 17.36
C THR B 65 -0.41 -0.75 17.75
N PHE B 66 0.45 -1.61 18.29
CA PHE B 66 1.78 -1.17 18.71
C PHE B 66 2.64 -0.71 17.52
N LYS B 67 2.24 -1.07 16.31
CA LYS B 67 3.04 -0.75 15.12
C LYS B 67 3.07 0.75 14.86
N PHE B 68 2.06 1.46 15.33
CA PHE B 68 2.07 2.93 15.29
C PHE B 68 3.19 3.48 16.22
N PRO B 69 3.19 3.13 17.52
CA PRO B 69 4.33 3.52 18.35
C PRO B 69 5.68 3.04 17.83
N LEU B 70 5.73 1.86 17.20
CA LEU B 70 6.98 1.40 16.62
C LEU B 70 7.47 2.37 15.54
N ALA B 71 6.57 2.83 14.69
CA ALA B 71 6.95 3.81 13.67
C ALA B 71 7.39 5.14 14.30
N ALA B 72 6.77 5.53 15.42
CA ALA B 72 7.18 6.75 16.10
C ALA B 72 8.61 6.61 16.64
N LEU B 73 8.94 5.43 17.16
CA LEU B 73 10.29 5.14 17.64
C LEU B 73 11.30 5.29 16.52
N VAL B 74 10.96 4.72 15.36
CA VAL B 74 11.82 4.83 14.19
C VAL B 74 12.01 6.28 13.77
N PHE B 75 10.93 7.04 13.72
CA PHE B 75 11.04 8.45 13.40
C PHE B 75 11.85 9.24 14.43
N GLU B 76 11.75 8.87 15.70
CA GLU B 76 12.55 9.56 16.70
C GLU B 76 14.03 9.32 16.44
N ARG B 77 14.37 8.10 16.02
CA ARG B 77 15.77 7.79 15.74
C ARG B 77 16.25 8.49 14.49
N ILE B 78 15.39 8.62 13.50
CA ILE B 78 15.72 9.41 12.31
C ILE B 78 15.89 10.88 12.70
N ASP B 79 14.99 11.40 13.52
CA ASP B 79 15.06 12.80 13.97
C ASP B 79 16.38 13.06 14.71
N SER B 80 16.79 12.11 15.54
CA SER B 80 17.98 12.28 16.37
CA SER B 80 17.98 12.27 16.37
C SER B 80 19.27 12.01 15.60
N GLY B 81 19.14 11.41 14.41
CA GLY B 81 20.30 11.08 13.60
C GLY B 81 20.90 9.71 13.85
N THR B 82 20.26 8.90 14.70
CA THR B 82 20.81 7.57 15.01
C THR B 82 20.29 6.50 14.05
N GLU B 83 19.45 6.92 13.12
CA GLU B 83 18.95 6.03 12.07
C GLU B 83 18.75 6.82 10.79
N ARG B 84 18.84 6.12 9.66
CA ARG B 84 18.60 6.72 8.36
C ARG B 84 17.41 6.03 7.70
N GLY B 85 16.46 6.81 7.19
CA GLY B 85 15.26 6.27 6.58
C GLY B 85 15.50 5.38 5.39
N ASP B 86 16.59 5.64 4.66
CA ASP B 86 16.88 4.90 3.44
C ASP B 86 17.85 3.74 3.66
N ARG B 87 18.20 3.47 4.92
CA ARG B 87 19.10 2.36 5.21
C ARG B 87 18.45 1.03 4.84
N LYS B 88 19.19 0.22 4.10
CA LYS B 88 18.68 -1.07 3.65
C LYS B 88 18.76 -2.12 4.74
N LEU B 89 17.62 -2.75 5.03
CA LEU B 89 17.57 -3.83 6.01
C LEU B 89 17.45 -5.15 5.26
N SER B 90 18.52 -5.93 5.28
CA SER B 90 18.56 -7.17 4.51
C SER B 90 17.91 -8.31 5.25
N TYR B 91 17.28 -9.21 4.49
CA TYR B 91 16.68 -10.38 5.08
C TYR B 91 16.50 -11.47 4.06
N GLY B 92 16.26 -12.68 4.56
CA GLY B 92 15.94 -13.80 3.71
C GLY B 92 14.59 -14.39 4.06
N PRO B 93 14.30 -15.58 3.51
CA PRO B 93 12.97 -16.18 3.67
C PRO B 93 12.57 -16.45 5.13
N ASP B 94 13.54 -16.59 6.04
CA ASP B 94 13.15 -16.85 7.44
C ASP B 94 12.54 -15.65 8.15
N MET B 95 12.57 -14.49 7.51
CA MET B 95 11.93 -13.28 8.06
C MET B 95 10.42 -13.33 7.83
N ILE B 96 10.00 -14.07 6.81
CA ILE B 96 8.59 -14.11 6.43
C ILE B 96 7.76 -14.91 7.44
N VAL B 97 6.76 -14.25 8.01
CA VAL B 97 5.80 -14.90 8.89
C VAL B 97 4.41 -14.66 8.31
N GLU B 98 3.38 -15.18 8.97
CA GLU B 98 2.02 -15.06 8.46
C GLU B 98 1.66 -13.59 8.28
N TRP B 99 0.99 -13.29 7.17
CA TRP B 99 0.66 -11.93 6.77
C TRP B 99 1.86 -11.00 6.70
N SER B 100 2.65 -11.17 5.64
CA SER B 100 3.79 -10.33 5.34
C SER B 100 3.75 -9.94 3.86
N PRO B 101 2.70 -9.22 3.44
CA PRO B 101 2.51 -8.99 1.99
C PRO B 101 3.65 -8.22 1.32
N ALA B 102 4.14 -7.15 1.96
CA ALA B 102 5.23 -6.36 1.37
C ALA B 102 6.57 -7.08 1.51
N THR B 103 6.82 -7.63 2.69
CA THR B 103 8.04 -8.39 2.94
C THR B 103 8.22 -9.50 1.90
N GLU B 104 7.13 -10.18 1.57
CA GLU B 104 7.18 -11.24 0.56
C GLU B 104 7.53 -10.67 -0.82
N ARG B 105 6.92 -9.54 -1.16
CA ARG B 105 7.19 -8.94 -2.47
C ARG B 105 8.63 -8.47 -2.63
N PHE B 106 9.21 -7.96 -1.55
CA PHE B 106 10.58 -7.44 -1.58
C PHE B 106 11.65 -8.49 -1.30
N LEU B 107 11.24 -9.71 -0.99
CA LEU B 107 12.18 -10.77 -0.63
C LEU B 107 13.31 -10.97 -1.66
N ALA B 108 12.94 -11.08 -2.94
CA ALA B 108 13.96 -11.36 -3.94
C ALA B 108 14.99 -10.24 -4.06
N SER B 109 14.53 -9.00 -3.87
CA SER B 109 15.42 -7.83 -3.92
C SER B 109 16.41 -7.85 -2.76
N GLY B 110 16.05 -8.55 -1.68
CA GLY B 110 16.97 -8.81 -0.59
C GLY B 110 16.86 -7.86 0.58
N HIS B 111 16.03 -6.83 0.48
CA HIS B 111 15.93 -5.87 1.56
C HIS B 111 14.66 -5.03 1.47
N MET B 112 14.33 -4.39 2.59
CA MET B 112 13.43 -3.24 2.59
C MET B 112 14.16 -2.14 3.34
N THR B 113 13.95 -0.88 2.96
CA THR B 113 14.54 0.19 3.75
C THR B 113 13.81 0.35 5.07
N VAL B 114 14.44 1.06 6.01
CA VAL B 114 13.80 1.39 7.27
C VAL B 114 12.41 2.00 7.04
N LEU B 115 12.32 3.01 6.17
CA LEU B 115 11.04 3.66 5.92
C LEU B 115 10.02 2.78 5.20
N GLU B 116 10.48 1.98 4.24
CA GLU B 116 9.58 1.05 3.56
C GLU B 116 8.97 0.07 4.56
N ALA B 117 9.82 -0.47 5.44
CA ALA B 117 9.36 -1.42 6.44
C ALA B 117 8.37 -0.76 7.40
N ALA B 118 8.69 0.45 7.84
CA ALA B 118 7.83 1.13 8.80
C ALA B 118 6.47 1.43 8.17
N GLN B 119 6.48 1.85 6.91
CA GLN B 119 5.21 2.18 6.27
C GLN B 119 4.33 0.94 6.04
N ALA B 120 4.97 -0.18 5.67
CA ALA B 120 4.26 -1.44 5.50
C ALA B 120 3.68 -1.94 6.82
N ALA B 121 4.45 -1.80 7.89
CA ALA B 121 3.98 -2.20 9.22
C ALA B 121 2.74 -1.39 9.61
N VAL B 122 2.78 -0.09 9.37
CA VAL B 122 1.68 0.77 9.78
C VAL B 122 0.45 0.63 8.86
N GLN B 123 0.67 0.60 7.55
CA GLN B 123 -0.43 0.69 6.61
C GLN B 123 -0.98 -0.65 6.14
N LEU B 124 -0.16 -1.70 6.20
CA LEU B 124 -0.60 -3.02 5.80
C LEU B 124 -0.64 -4.00 6.97
N SER B 125 -0.12 -3.55 8.12
CA SER B 125 0.07 -4.42 9.28
C SER B 125 0.97 -5.63 8.93
N ASP B 126 2.00 -5.37 8.11
CA ASP B 126 2.94 -6.41 7.67
C ASP B 126 3.78 -6.94 8.84
N ASN B 127 3.67 -8.24 9.11
CA ASN B 127 4.32 -8.82 10.30
C ASN B 127 5.80 -9.06 10.10
N GLY B 128 6.19 -9.46 8.89
CA GLY B 128 7.59 -9.59 8.56
C GLY B 128 8.32 -8.26 8.67
N ALA B 129 7.67 -7.20 8.20
CA ALA B 129 8.27 -5.86 8.23
C ALA B 129 8.44 -5.39 9.68
N THR B 130 7.46 -5.74 10.50
CA THR B 130 7.50 -5.42 11.91
C THR B 130 8.65 -6.14 12.59
N ASN B 131 8.82 -7.43 12.29
CA ASN B 131 9.94 -8.16 12.90
C ASN B 131 11.29 -7.66 12.39
N LEU B 132 11.32 -7.23 11.14
CA LEU B 132 12.55 -6.70 10.57
C LEU B 132 12.97 -5.44 11.33
N LEU B 133 12.01 -4.56 11.61
CA LEU B 133 12.28 -3.36 12.40
C LEU B 133 12.68 -3.69 13.82
N LEU B 134 11.96 -4.60 14.47
CA LEU B 134 12.34 -5.02 15.82
C LEU B 134 13.78 -5.55 15.87
N ARG B 135 14.19 -6.31 14.86
CA ARG B 135 15.56 -6.80 14.82
C ARG B 135 16.55 -5.64 14.81
N GLU B 136 16.20 -4.60 14.06
CA GLU B 136 17.09 -3.44 13.90
C GLU B 136 17.14 -2.47 15.09
N ILE B 137 16.07 -2.38 15.87
CA ILE B 137 16.02 -1.41 16.96
C ILE B 137 16.44 -1.95 18.31
N GLY B 138 16.57 -3.26 18.43
CA GLY B 138 16.90 -3.83 19.73
C GLY B 138 15.79 -4.67 20.32
N GLY B 139 14.85 -5.08 19.47
CA GLY B 139 13.79 -5.98 19.88
C GLY B 139 12.74 -5.34 20.77
N PRO B 140 11.85 -6.17 21.33
CA PRO B 140 10.77 -5.70 22.19
C PRO B 140 11.24 -4.82 23.35
N ALA B 141 12.43 -5.09 23.89
CA ALA B 141 12.93 -4.28 25.01
C ALA B 141 13.10 -2.82 24.61
N ALA B 142 13.51 -2.60 23.36
CA ALA B 142 13.72 -1.25 22.86
C ALA B 142 12.40 -0.51 22.64
N MET B 143 11.38 -1.25 22.22
CA MET B 143 10.04 -0.67 22.08
C MET B 143 9.55 -0.22 23.46
N THR B 144 9.74 -1.07 24.46
CA THR B 144 9.31 -0.73 25.82
C THR B 144 10.05 0.50 26.32
N GLN B 145 11.35 0.56 26.07
CA GLN B 145 12.16 1.70 26.49
CA GLN B 145 12.15 1.70 26.50
C GLN B 145 11.64 3.00 25.88
N TYR B 146 11.19 2.93 24.63
CA TYR B 146 10.67 4.11 23.97
C TYR B 146 9.37 4.59 24.61
N PHE B 147 8.46 3.67 24.90
CA PHE B 147 7.29 4.01 25.71
C PHE B 147 7.69 4.80 26.96
N ARG B 148 8.67 4.29 27.71
CA ARG B 148 9.07 4.96 28.94
C ARG B 148 9.63 6.35 28.65
N LYS B 149 10.43 6.44 27.59
CA LYS B 149 11.08 7.69 27.19
C LYS B 149 10.05 8.79 26.95
N ILE B 150 8.90 8.41 26.39
CA ILE B 150 7.87 9.41 26.12
C ILE B 150 6.83 9.52 27.24
N GLY B 151 7.11 8.91 28.40
CA GLY B 151 6.29 9.15 29.56
C GLY B 151 5.13 8.18 29.74
N ASP B 152 5.16 7.10 28.98
CA ASP B 152 4.21 6.00 29.11
C ASP B 152 4.86 4.93 29.98
N SER B 153 4.40 4.79 31.22
CA SER B 153 4.97 3.83 32.16
C SER B 153 4.21 2.51 32.14
N VAL B 154 3.21 2.43 31.28
CA VAL B 154 2.27 1.30 31.27
C VAL B 154 2.50 0.33 30.11
N SER B 155 2.55 0.85 28.89
CA SER B 155 2.65 0.00 27.70
C SER B 155 3.95 -0.79 27.71
N ARG B 156 3.88 -2.03 27.24
CA ARG B 156 5.06 -2.88 27.19
C ARG B 156 5.01 -3.86 26.05
N LEU B 157 6.13 -4.03 25.37
CA LEU B 157 6.24 -5.07 24.36
C LEU B 157 7.23 -6.10 24.87
N ASP B 158 6.91 -7.37 24.67
CA ASP B 158 7.72 -8.44 25.25
C ASP B 158 8.13 -9.49 24.23
N ARG B 159 7.35 -9.63 23.17
CA ARG B 159 7.56 -10.66 22.17
C ARG B 159 7.47 -10.07 20.77
N LYS B 160 7.96 -10.83 19.79
CA LYS B 160 7.83 -10.44 18.39
C LYS B 160 6.60 -11.08 17.75
N GLU B 161 6.43 -10.90 16.45
CA GLU B 161 5.31 -11.52 15.75
C GLU B 161 5.63 -12.99 15.45
N PRO B 162 4.64 -13.88 15.58
CA PRO B 162 3.23 -13.64 15.88
C PRO B 162 2.87 -13.85 17.35
N GLU B 163 3.79 -14.32 18.17
CA GLU B 163 3.46 -14.71 19.54
CA GLU B 163 3.47 -14.71 19.54
C GLU B 163 2.95 -13.57 20.40
N MET B 164 3.28 -12.32 20.06
CA MET B 164 2.83 -11.18 20.85
CA MET B 164 2.83 -11.19 20.86
C MET B 164 1.32 -11.01 20.80
N ASN B 165 0.66 -11.71 19.88
CA ASN B 165 -0.79 -11.60 19.74
C ASN B 165 -1.59 -12.69 20.44
N ASP B 166 -0.93 -13.52 21.23
CA ASP B 166 -1.59 -14.66 21.87
C ASP B 166 -2.76 -14.24 22.77
N ASN B 167 -2.61 -13.11 23.44
CA ASN B 167 -3.69 -12.55 24.25
C ASN B 167 -4.24 -13.54 25.28
N THR B 168 -3.33 -14.23 25.96
CA THR B 168 -3.69 -15.13 27.04
C THR B 168 -4.26 -14.32 28.20
N PRO B 169 -5.45 -14.71 28.70
CA PRO B 169 -6.04 -13.96 29.81
C PRO B 169 -5.09 -13.83 31.00
N GLY B 170 -4.97 -12.61 31.54
CA GLY B 170 -4.12 -12.37 32.69
C GLY B 170 -2.65 -12.15 32.39
N ASP B 171 -2.25 -12.37 31.14
CA ASP B 171 -0.86 -12.20 30.74
C ASP B 171 -0.60 -10.71 30.54
N LEU B 172 0.42 -10.18 31.21
CA LEU B 172 0.72 -8.76 31.06
C LEU B 172 1.63 -8.45 29.89
N ARG B 173 2.18 -9.48 29.27
CA ARG B 173 3.06 -9.26 28.13
C ARG B 173 2.30 -8.59 27.00
N ASP B 174 2.94 -7.61 26.37
CA ASP B 174 2.43 -7.02 25.13
C ASP B 174 1.09 -6.33 25.33
N THR B 175 0.95 -5.64 26.46
CA THR B 175 -0.30 -4.96 26.79
C THR B 175 -0.16 -3.46 26.98
N THR B 176 -1.30 -2.79 26.96
CA THR B 176 -1.39 -1.38 27.31
C THR B 176 -2.72 -1.17 28.04
N THR B 177 -3.04 0.07 28.39
CA THR B 177 -4.38 0.42 28.82
C THR B 177 -4.89 1.50 27.87
N PRO B 178 -6.21 1.63 27.73
CA PRO B 178 -6.71 2.64 26.79
C PRO B 178 -6.19 4.04 27.10
N ILE B 179 -6.16 4.44 28.37
CA ILE B 179 -5.72 5.79 28.68
C ILE B 179 -4.22 5.98 28.40
N ALA B 180 -3.41 4.98 28.75
CA ALA B 180 -1.99 5.04 28.43
C ALA B 180 -1.77 5.21 26.93
N MET B 181 -2.45 4.38 26.14
CA MET B 181 -2.24 4.42 24.70
C MET B 181 -2.78 5.71 24.07
N ALA B 182 -3.94 6.18 24.53
CA ALA B 182 -4.48 7.44 24.01
C ALA B 182 -3.51 8.59 24.26
N ARG B 183 -2.92 8.61 25.45
CA ARG B 183 -1.98 9.66 25.78
C ARG B 183 -0.68 9.53 24.99
N THR B 184 -0.27 8.29 24.71
CA THR B 184 0.89 8.07 23.85
C THR B 184 0.62 8.57 22.43
N VAL B 185 -0.57 8.28 21.91
CA VAL B 185 -0.96 8.80 20.60
C VAL B 185 -0.91 10.32 20.59
N ALA B 186 -1.48 10.95 21.61
CA ALA B 186 -1.47 12.41 21.70
C ALA B 186 -0.06 12.97 21.77
N LYS B 187 0.83 12.31 22.52
CA LYS B 187 2.20 12.79 22.64
C LYS B 187 2.91 12.75 21.30
N VAL B 188 2.69 11.66 20.56
CA VAL B 188 3.32 11.48 19.26
C VAL B 188 2.81 12.46 18.21
N LEU B 189 1.50 12.71 18.20
CA LEU B 189 0.89 13.54 17.16
C LEU B 189 0.81 15.02 17.51
N TYR B 190 0.71 15.31 18.81
CA TYR B 190 0.45 16.69 19.27
C TYR B 190 1.42 17.18 20.34
N GLY B 191 2.10 16.25 21.02
CA GLY B 191 2.90 16.60 22.18
C GLY B 191 4.38 16.83 21.93
N GLY B 192 4.78 16.93 20.66
CA GLY B 192 6.14 17.28 20.30
C GLY B 192 7.18 16.17 20.39
N ALA B 193 6.73 14.92 20.39
CA ALA B 193 7.64 13.78 20.45
C ALA B 193 8.49 13.66 19.17
N LEU B 194 7.93 14.12 18.05
CA LEU B 194 8.64 14.07 16.77
C LEU B 194 8.75 15.46 16.16
N THR B 195 9.70 15.62 15.24
CA THR B 195 9.82 16.87 14.49
C THR B 195 8.55 17.12 13.68
N SER B 196 8.38 18.36 13.23
CA SER B 196 7.24 18.70 12.40
CA SER B 196 7.23 18.70 12.40
C SER B 196 7.13 17.80 11.18
N THR B 197 8.25 17.56 10.50
CA THR B 197 8.21 16.74 9.29
CA THR B 197 8.26 16.73 9.30
C THR B 197 7.84 15.28 9.60
N SER B 198 8.42 14.71 10.64
CA SER B 198 8.12 13.33 11.00
C SER B 198 6.68 13.17 11.49
N THR B 199 6.20 14.17 12.22
CA THR B 199 4.82 14.14 12.72
C THR B 199 3.83 14.17 11.57
N HIS B 200 4.08 15.02 10.58
CA HIS B 200 3.19 15.09 9.42
C HIS B 200 3.19 13.77 8.66
N THR B 201 4.38 13.20 8.47
CA THR B 201 4.49 11.94 7.75
C THR B 201 3.69 10.83 8.44
N ILE B 202 3.86 10.70 9.76
CA ILE B 202 3.17 9.62 10.45
C ILE B 202 1.66 9.83 10.45
N GLU B 203 1.23 11.08 10.47
CA GLU B 203 -0.18 11.41 10.37
C GLU B 203 -0.76 10.95 9.02
N ARG B 204 -0.04 11.24 7.94
CA ARG B 204 -0.49 10.83 6.62
C ARG B 204 -0.51 9.31 6.52
N TRP B 205 0.44 8.63 7.16
CA TRP B 205 0.44 7.17 7.11
C TRP B 205 -0.81 6.60 7.77
N LEU B 206 -1.21 7.19 8.90
CA LEU B 206 -2.41 6.75 9.61
C LEU B 206 -3.68 6.99 8.80
N ILE B 207 -3.77 8.17 8.16
CA ILE B 207 -4.90 8.46 7.29
C ILE B 207 -5.00 7.45 6.16
N GLY B 208 -3.87 7.11 5.57
CA GLY B 208 -3.85 6.19 4.45
C GLY B 208 -3.78 4.72 4.81
N ASN B 209 -3.95 4.40 6.10
CA ASN B 209 -3.99 3.00 6.53
C ASN B 209 -4.96 2.20 5.69
N GLN B 210 -4.58 0.99 5.29
CA GLN B 210 -5.41 0.22 4.36
C GLN B 210 -6.31 -0.79 5.05
N THR B 211 -6.16 -0.93 6.36
CA THR B 211 -6.79 -2.03 7.09
C THR B 211 -7.95 -1.63 8.00
N GLY B 212 -8.31 -0.34 8.02
CA GLY B 212 -9.29 0.12 8.98
C GLY B 212 -10.62 0.57 8.43
N ASP B 213 -10.93 0.18 7.19
CA ASP B 213 -12.15 0.71 6.56
C ASP B 213 -13.44 0.29 7.27
N ALA B 214 -13.41 -0.84 7.97
CA ALA B 214 -14.63 -1.40 8.56
C ALA B 214 -14.70 -1.28 10.08
N THR B 215 -13.70 -0.64 10.67
CA THR B 215 -13.68 -0.46 12.13
C THR B 215 -14.06 0.96 12.55
N LEU B 216 -13.22 1.65 13.31
CA LEU B 216 -13.61 2.95 13.85
C LEU B 216 -14.09 3.94 12.79
N ARG B 217 -13.35 4.06 11.70
CA ARG B 217 -13.72 5.09 10.74
C ARG B 217 -15.08 4.80 10.07
N ALA B 218 -15.52 3.54 10.10
CA ALA B 218 -16.86 3.23 9.61
C ALA B 218 -17.97 3.83 10.48
N GLY B 219 -17.64 4.10 11.75
CA GLY B 219 -18.60 4.67 12.69
C GLY B 219 -18.46 6.17 12.88
N PHE B 220 -17.49 6.77 12.20
CA PHE B 220 -17.26 8.21 12.29
C PHE B 220 -17.85 8.93 11.07
N PRO B 221 -18.24 10.20 11.26
CA PRO B 221 -18.68 10.99 10.10
C PRO B 221 -17.60 11.09 9.03
N LYS B 222 -18.03 10.96 7.78
CA LYS B 222 -17.14 10.92 6.62
C LYS B 222 -16.32 12.19 6.43
N ASP B 223 -16.78 13.29 7.02
CA ASP B 223 -16.13 14.59 6.89
CA ASP B 223 -16.08 14.55 6.84
C ASP B 223 -15.00 14.79 7.90
N TRP B 224 -14.97 13.94 8.92
CA TRP B 224 -13.90 14.04 9.91
C TRP B 224 -12.59 13.58 9.29
N VAL B 225 -11.48 14.22 9.64
CA VAL B 225 -10.18 13.71 9.24
C VAL B 225 -9.78 12.69 10.29
N VAL B 226 -9.57 11.46 9.87
CA VAL B 226 -9.32 10.34 10.77
C VAL B 226 -8.12 9.55 10.30
N GLY B 227 -7.29 9.14 11.24
CA GLY B 227 -6.19 8.24 10.92
C GLY B 227 -6.11 7.22 12.04
N GLU B 228 -5.88 5.95 11.71
CA GLU B 228 -5.84 4.96 12.77
C GLU B 228 -5.02 3.73 12.42
N LYS B 229 -4.74 2.92 13.43
CA LYS B 229 -4.07 1.64 13.28
C LYS B 229 -4.90 0.59 14.00
N THR B 230 -5.22 -0.46 13.26
CA THR B 230 -6.04 -1.54 13.77
C THR B 230 -5.21 -2.66 14.38
N GLY B 231 -5.89 -3.54 15.10
CA GLY B 231 -5.26 -4.75 15.58
C GLY B 231 -6.29 -5.84 15.74
N THR B 232 -5.83 -7.08 15.58
CA THR B 232 -6.64 -8.26 15.79
C THR B 232 -5.75 -9.24 16.51
N CYS B 233 -6.23 -9.81 17.60
CA CYS B 233 -5.45 -10.86 18.25
CA CYS B 233 -5.46 -10.83 18.29
C CYS B 233 -6.33 -12.01 18.67
N ALA B 234 -5.69 -13.08 19.14
CA ALA B 234 -6.38 -14.29 19.55
C ALA B 234 -7.32 -14.01 20.71
N ASN B 235 -8.24 -14.95 20.93
CA ASN B 235 -9.21 -14.86 22.01
C ASN B 235 -10.11 -13.63 21.89
N GLY B 236 -10.36 -13.20 20.66
CA GLY B 236 -11.40 -12.23 20.38
C GLY B 236 -11.03 -10.76 20.46
N GLY B 237 -9.74 -10.46 20.37
CA GLY B 237 -9.29 -9.08 20.44
C GLY B 237 -9.47 -8.31 19.14
N ARG B 238 -10.02 -7.10 19.23
CA ARG B 238 -10.15 -6.24 18.06
C ARG B 238 -9.99 -4.80 18.51
N ASN B 239 -8.97 -4.13 17.99
CA ASN B 239 -8.56 -2.82 18.50
C ASN B 239 -8.41 -1.80 17.38
N ASP B 240 -8.47 -0.52 17.75
CA ASP B 240 -8.24 0.56 16.80
C ASP B 240 -7.81 1.80 17.58
N ILE B 241 -6.66 2.38 17.23
CA ILE B 241 -6.16 3.57 17.90
C ILE B 241 -5.77 4.62 16.86
N GLY B 242 -5.86 5.89 17.23
CA GLY B 242 -5.46 6.93 16.31
C GLY B 242 -6.00 8.29 16.70
N PHE B 243 -6.40 9.06 15.70
CA PHE B 243 -6.84 10.42 15.94
C PHE B 243 -8.03 10.77 15.07
N PHE B 244 -8.77 11.79 15.49
CA PHE B 244 -9.77 12.37 14.61
C PHE B 244 -9.83 13.86 14.83
N LYS B 245 -10.22 14.57 13.78
CA LYS B 245 -10.39 16.01 13.84
C LYS B 245 -11.85 16.27 13.56
N ALA B 246 -12.50 16.96 14.50
CA ALA B 246 -13.94 17.19 14.48
C ALA B 246 -14.25 18.53 15.14
N GLN B 247 -15.19 19.28 14.56
CA GLN B 247 -15.61 20.56 15.11
C GLN B 247 -14.41 21.46 15.37
N GLU B 248 -13.46 21.44 14.43
CA GLU B 248 -12.26 22.27 14.52
C GLU B 248 -11.42 21.96 15.77
N ARG B 249 -11.55 20.74 16.28
CA ARG B 249 -10.73 20.28 17.41
C ARG B 249 -10.08 18.94 17.10
N ASP B 250 -8.93 18.70 17.72
CA ASP B 250 -8.19 17.45 17.53
C ASP B 250 -8.38 16.55 18.74
N TYR B 251 -8.47 15.24 18.49
CA TYR B 251 -8.63 14.24 19.52
C TYR B 251 -7.73 13.04 19.25
N ALA B 252 -7.23 12.41 20.31
CA ALA B 252 -6.56 11.12 20.22
C ALA B 252 -7.47 10.08 20.85
N VAL B 253 -7.53 8.90 20.25
CA VAL B 253 -8.46 7.88 20.71
C VAL B 253 -7.80 6.50 20.72
N ALA B 254 -8.13 5.70 21.73
CA ALA B 254 -7.71 4.32 21.78
C ALA B 254 -8.91 3.45 22.12
N VAL B 255 -9.17 2.43 21.30
CA VAL B 255 -10.27 1.51 21.52
C VAL B 255 -9.73 0.08 21.50
N TYR B 256 -9.94 -0.63 22.60
CA TYR B 256 -9.53 -2.02 22.73
C TYR B 256 -10.77 -2.81 23.09
N THR B 257 -11.01 -3.92 22.40
CA THR B 257 -12.19 -4.75 22.69
C THR B 257 -11.82 -6.21 22.72
N THR B 258 -12.54 -6.96 23.54
CA THR B 258 -12.37 -8.39 23.65
C THR B 258 -13.75 -9.01 23.54
N ALA B 259 -13.96 -9.85 22.53
CA ALA B 259 -15.27 -10.46 22.32
C ALA B 259 -15.10 -11.87 21.77
N PRO B 260 -14.79 -12.83 22.65
CA PRO B 260 -14.41 -14.19 22.25
C PRO B 260 -15.48 -14.93 21.47
N LYS B 261 -16.74 -14.55 21.62
CA LYS B 261 -17.83 -15.35 21.06
C LYS B 261 -18.40 -14.79 19.77
N LEU B 262 -17.93 -13.60 19.38
CA LEU B 262 -18.34 -13.00 18.12
C LEU B 262 -17.49 -13.55 16.98
N SER B 263 -18.02 -13.46 15.76
CA SER B 263 -17.25 -13.77 14.57
C SER B 263 -16.36 -12.59 14.22
N ALA B 264 -15.44 -12.77 13.28
CA ALA B 264 -14.55 -11.68 12.87
C ALA B 264 -15.32 -10.47 12.34
N VAL B 265 -16.33 -10.73 11.51
CA VAL B 265 -17.14 -9.64 10.96
C VAL B 265 -17.89 -8.91 12.08
N GLU B 266 -18.43 -9.65 13.04
CA GLU B 266 -19.16 -9.05 14.15
C GLU B 266 -18.25 -8.21 15.05
N ARG B 267 -16.97 -8.58 15.14
CA ARG B 267 -16.03 -7.79 15.92
C ARG B 267 -15.73 -6.45 15.25
N ASP B 268 -15.60 -6.48 13.92
CA ASP B 268 -15.46 -5.25 13.15
C ASP B 268 -16.65 -4.35 13.40
N GLU B 269 -17.84 -4.95 13.34
CA GLU B 269 -19.09 -4.22 13.57
C GLU B 269 -19.10 -3.62 14.97
N LEU B 270 -18.55 -4.36 15.94
CA LEU B 270 -18.53 -3.89 17.31
C LEU B 270 -17.69 -2.62 17.44
N VAL B 271 -16.51 -2.63 16.83
CA VAL B 271 -15.65 -1.46 16.90
C VAL B 271 -16.29 -0.28 16.15
N ALA B 272 -16.90 -0.55 15.01
CA ALA B 272 -17.63 0.48 14.28
C ALA B 272 -18.76 1.07 15.14
N SER B 273 -19.43 0.21 15.91
CA SER B 273 -20.49 0.66 16.79
C SER B 273 -19.93 1.52 17.91
N VAL B 274 -18.76 1.17 18.42
CA VAL B 274 -18.11 2.03 19.39
C VAL B 274 -17.83 3.39 18.75
N GLY B 275 -17.42 3.38 17.49
CA GLY B 275 -17.23 4.61 16.74
C GLY B 275 -18.48 5.47 16.74
N GLN B 276 -19.64 4.86 16.54
CA GLN B 276 -20.89 5.61 16.54
CA GLN B 276 -20.91 5.59 16.54
C GLN B 276 -21.19 6.19 17.91
N VAL B 277 -20.88 5.43 18.97
CA VAL B 277 -21.08 5.92 20.32
C VAL B 277 -20.20 7.13 20.58
N ILE B 278 -18.94 7.05 20.14
CA ILE B 278 -18.03 8.18 20.23
C ILE B 278 -18.58 9.40 19.48
N THR B 279 -19.05 9.16 18.25
CA THR B 279 -19.61 10.24 17.43
C THR B 279 -20.75 10.94 18.16
N GLN B 280 -21.63 10.14 18.76
CA GLN B 280 -22.75 10.69 19.50
C GLN B 280 -22.28 11.57 20.65
N LEU B 281 -21.22 11.16 21.34
CA LEU B 281 -20.67 11.96 22.43
C LEU B 281 -20.08 13.27 21.93
N ILE B 282 -19.21 13.19 20.93
CA ILE B 282 -18.53 14.38 20.43
C ILE B 282 -19.52 15.43 19.91
N LEU B 283 -20.55 14.97 19.22
CA LEU B 283 -21.49 15.89 18.59
C LEU B 283 -22.56 16.40 19.54
N SER B 284 -22.63 15.81 20.74
CA SER B 284 -23.62 16.23 21.72
C SER B 284 -23.29 17.62 22.25
C 1RG C . -6.66 -6.31 -6.86
N 1RG C . -7.21 -3.95 -7.79
O 1RG C . -7.66 -6.83 -6.27
CA 1RG C . -7.12 -5.35 -7.91
CB 1RG C . -6.89 -5.60 -9.32
CD 1RG C . -8.25 -3.60 -8.72
CG 1RG C . -8.24 -4.87 -9.55
CAA 1RG C . -6.60 -0.64 -14.90
CAB 1RG C . -7.93 -0.69 -14.13
OAC 1RG C . -6.55 -1.47 -15.75
CAD 1RG C . -7.73 -1.07 -12.65
CAE 1RG C . -8.64 0.65 -14.37
CAF 1RG C . -9.86 0.76 -13.48
OAG 1RG C . -7.74 1.70 -14.20
CAH 1RG C . -8.70 -2.06 -11.99
CAI 1RG C . -7.86 -3.26 -11.79
NAJ 1RG C . -6.50 -1.78 -12.45
SAK 1RG C . -8.49 -4.71 -11.24
CAL 1RG C . -6.67 -3.00 -12.21
CAM 1RG C . -5.53 -3.79 -12.45
CAS 1RG C . -9.91 -2.51 -12.80
OAT 1RG C . -4.81 -3.23 -12.23
OAU 1RG C . -5.43 -4.91 -12.82
NAX 1RG C . -5.36 -6.62 -6.62
CAY 1RG C . -5.17 -7.79 -5.99
CAZ 1RG C . -5.70 -9.01 -6.46
CBA 1RG C . -5.53 -10.23 -5.73
CBB 1RG C . -4.88 -10.15 -4.50
CBC 1RG C . -4.41 -8.92 -4.04
CBD 1RG C . -4.60 -7.75 -4.76
CBE 1RG C . -6.08 -11.59 -6.17
OBF 1RG C . -7.26 -11.88 -5.88
OBG 1RG C . -5.49 -12.48 -6.75
CA CA D . -16.25 17.97 -5.88
I IOD E . -1.49 -6.00 0.24
I IOD F . -6.54 -0.98 -0.58
I IOD G . -19.41 16.78 -6.11
I IOD H . 16.04 -3.22 -5.76
C 1RG I . -4.63 -11.97 8.26
N 1RG I . -5.73 -10.25 6.72
O 1RG I . -3.69 -12.35 8.96
CA 1RG I . -4.56 -10.65 7.46
CB 1RG I . -4.30 -9.36 8.21
CD 1RG I . -6.46 -9.19 7.33
CG 1RG I . -5.55 -8.53 8.35
CAA 1RG I . -2.18 -7.17 14.13
CAB 1RG I . -2.29 -8.49 13.32
OAC 1RG I . -3.01 -7.16 14.98
CAD 1RG I . -2.59 -8.30 11.81
CAE 1RG I . -1.00 -9.25 13.64
CAF 1RG I . -0.96 -10.70 13.14
OAG 1RG I . 0.02 -8.43 13.11
CAH 1RG I . -3.61 -9.19 11.10
CAI 1RG I . -4.75 -8.30 10.81
NAJ 1RG I . -3.25 -7.07 11.67
SAK 1RG I . -6.13 -8.62 9.96
CAL 1RG I . -4.48 -7.17 11.37
CAM 1RG I . -5.27 -6.09 11.72
CAS 1RG I . -4.13 -10.26 12.01
OAT 1RG I . -4.63 -5.41 12.12
OAU 1RG I . -6.50 -6.05 11.73
NAX 1RG I . -5.75 -12.71 8.12
CAY 1RG I . -6.04 -13.79 8.88
CAZ 1RG I . -5.88 -15.09 8.41
CBA 1RG I . -6.22 -16.17 9.23
CBB 1RG I . -6.72 -15.97 10.51
CBC 1RG I . -6.85 -14.68 11.01
CBD 1RG I . -6.52 -13.60 10.19
CBE 1RG I . -6.08 -17.61 8.81
OBF 1RG I . -7.11 -18.24 8.49
OBG 1RG I . -4.94 -18.11 8.77
I IOD J . -3.45 16.04 6.66
I IOD K . 13.36 -9.30 17.87
C1 EDO L . -15.67 8.60 31.73
O1 EDO L . -16.08 9.09 30.45
C2 EDO L . -14.30 9.14 32.11
O2 EDO L . -14.34 10.56 32.13
#